data_9AVF
#
_entry.id   9AVF
#
_cell.length_a   63.809
_cell.length_b   87.010
_cell.length_c   128.759
_cell.angle_alpha   90.000
_cell.angle_beta   90.000
_cell.angle_gamma   90.000
#
_symmetry.space_group_name_H-M   'P 21 21 21'
#
loop_
_entity.id
_entity.type
_entity.pdbx_description
1 polymer GP38
2 polymer 'Glycoprotein N'
3 non-polymer 2-acetamido-2-deoxy-beta-D-glucopyranose
4 non-polymer 2-acetamido-2-deoxy-alpha-D-galactopyranose
5 water water
#
loop_
_entity_poly.entity_id
_entity_poly.type
_entity_poly.pdbx_seq_one_letter_code
_entity_poly.pdbx_strand_id
1 'polypeptide(L)'
;NLKMEIILTLSQGLKKYYGKILRLLQLTLEEDTEGLLEWCKRNLGLDCDDTFFQKRIEEFFITGEGHFNEVLQFRTPGTL
STTESTPAGLPTAEPFKSYFAKGFLSIDSGYYSAKCYSGTSNSGLQLINITRHSTRIVDTPGPKITNLKTINCINLKASI
FKEHREVEINVLLPQVAVNLSNCHVVIKSHVCDYSLDIDGAVRLPHIYHEGVFIPGTYKIVIDKKNKLNDRCTLFTDCVI
KGREVRKGCSVLRQYKTEIRIGGGSGGGS
;
A,C
2 'polypeptide(L)' LLRTETAEIHGDNYGGPGDKITICNGSTICDQRLGSELGCYTINRVRSFKLGSLEVLFQG B,D
#
# COMPACT_ATOMS: atom_id res chain seq x y z
N GLU A 5 23.37 -5.31 -0.90
CA GLU A 5 22.50 -6.48 -0.99
C GLU A 5 22.70 -7.40 0.22
N ILE A 6 21.62 -7.87 0.81
CA ILE A 6 21.65 -8.76 1.95
C ILE A 6 20.64 -9.89 1.74
N ILE A 7 21.06 -11.13 2.05
CA ILE A 7 20.25 -12.32 1.89
C ILE A 7 19.59 -12.66 3.22
N LEU A 8 18.30 -12.99 3.18
CA LEU A 8 17.53 -13.34 4.37
C LEU A 8 17.45 -14.84 4.55
N THR A 9 17.57 -15.28 5.80
CA THR A 9 17.46 -16.69 6.13
C THR A 9 15.99 -17.12 6.06
N LEU A 10 15.76 -18.41 6.26
CA LEU A 10 14.41 -18.94 6.23
C LEU A 10 13.52 -18.24 7.26
N SER A 11 13.97 -18.20 8.52
CA SER A 11 13.17 -17.58 9.57
C SER A 11 13.11 -16.06 9.42
N GLN A 12 14.18 -15.43 8.94
CA GLN A 12 14.16 -13.99 8.73
C GLN A 12 13.10 -13.59 7.71
N GLY A 13 13.06 -14.28 6.57
CA GLY A 13 12.09 -13.94 5.54
C GLY A 13 10.67 -14.35 5.89
N LEU A 14 10.51 -15.42 6.67
CA LEU A 14 9.17 -15.81 7.09
C LEU A 14 8.53 -14.75 7.98
N LYS A 15 9.32 -14.13 8.86
CA LYS A 15 8.80 -13.04 9.68
C LYS A 15 8.41 -11.85 8.81
N LYS A 16 9.21 -11.56 7.78
CA LYS A 16 8.86 -10.50 6.85
C LYS A 16 7.65 -10.88 6.01
N TYR A 17 7.50 -12.17 5.69
CA TYR A 17 6.34 -12.66 4.96
C TYR A 17 5.09 -12.47 5.80
N TYR A 18 5.20 -12.69 7.12
CA TYR A 18 4.07 -12.46 8.02
C TYR A 18 3.83 -10.98 8.24
N GLY A 19 4.88 -10.16 8.18
CA GLY A 19 4.67 -8.72 8.26
C GLY A 19 3.91 -8.18 7.07
N LYS A 20 4.14 -8.76 5.90
CA LYS A 20 3.36 -8.40 4.71
C LYS A 20 1.88 -8.72 4.91
N ILE A 21 1.59 -9.91 5.44
CA ILE A 21 0.20 -10.32 5.66
C ILE A 21 -0.45 -9.44 6.72
N LEU A 22 0.25 -9.18 7.82
CA LEU A 22 -0.30 -8.31 8.86
C LEU A 22 -0.60 -6.92 8.31
N ARG A 23 0.22 -6.43 7.38
CA ARG A 23 -0.02 -5.13 6.78
C ARG A 23 -1.23 -5.17 5.85
N LEU A 24 -1.30 -6.16 4.97
CA LEU A 24 -2.43 -6.26 4.06
C LEU A 24 -3.73 -6.51 4.80
N LEU A 25 -3.67 -7.19 5.95
CA LEU A 25 -4.86 -7.37 6.78
C LEU A 25 -5.26 -6.09 7.48
N GLN A 26 -4.45 -5.04 7.36
CA GLN A 26 -4.69 -3.75 8.02
C GLN A 26 -4.72 -3.89 9.54
N LEU A 27 -3.92 -4.82 10.07
CA LEU A 27 -3.69 -4.92 11.50
C LEU A 27 -2.50 -4.07 11.94
N THR A 28 -1.60 -3.79 11.01
CA THR A 28 -0.47 -2.90 11.24
C THR A 28 -0.45 -1.86 10.12
N LEU A 29 0.16 -0.71 10.41
CA LEU A 29 0.37 0.34 9.43
C LEU A 29 1.82 0.41 8.97
N GLU A 30 2.64 -0.53 9.41
CA GLU A 30 4.06 -0.54 9.10
C GLU A 30 4.48 -1.97 8.78
N GLU A 31 5.59 -2.09 8.09
CA GLU A 31 6.07 -3.41 7.69
C GLU A 31 7.58 -3.37 7.51
N ASP A 32 8.19 -4.54 7.50
CA ASP A 32 9.59 -4.74 7.16
C ASP A 32 9.57 -5.86 6.13
N THR A 33 9.56 -5.48 4.85
CA THR A 33 9.54 -6.45 3.76
C THR A 33 10.81 -6.40 2.92
N GLU A 34 11.84 -5.70 3.37
CA GLU A 34 13.08 -5.62 2.61
C GLU A 34 13.71 -7.01 2.51
N GLY A 35 13.84 -7.50 1.27
CA GLY A 35 14.39 -8.82 1.01
C GLY A 35 13.35 -9.91 0.88
N LEU A 36 12.07 -9.58 1.04
CA LEU A 36 11.01 -10.59 0.95
C LEU A 36 10.86 -11.16 -0.46
N LEU A 37 10.93 -10.31 -1.48
CA LEU A 37 10.72 -10.79 -2.84
C LEU A 37 11.77 -11.83 -3.24
N GLU A 38 13.04 -11.59 -2.93
CA GLU A 38 14.07 -12.57 -3.22
C GLU A 38 13.90 -13.82 -2.37
N TRP A 39 13.47 -13.65 -1.11
CA TRP A 39 13.22 -14.80 -0.25
C TRP A 39 12.10 -15.68 -0.78
N CYS A 40 11.07 -15.08 -1.39
CA CYS A 40 10.00 -15.87 -1.98
C CYS A 40 10.49 -16.66 -3.20
N LYS A 41 11.40 -16.08 -3.99
CA LYS A 41 11.95 -16.81 -5.13
C LYS A 41 12.87 -17.93 -4.68
N ARG A 42 13.72 -17.64 -3.69
CA ARG A 42 14.68 -18.62 -3.20
C ARG A 42 14.03 -19.75 -2.40
N ASN A 43 12.99 -19.44 -1.61
CA ASN A 43 12.37 -20.46 -0.77
C ASN A 43 11.02 -20.99 -1.27
N LEU A 44 10.21 -20.17 -1.94
CA LEU A 44 8.93 -20.65 -2.44
C LEU A 44 8.90 -20.84 -3.95
N GLY A 45 9.92 -20.38 -4.66
CA GLY A 45 9.95 -20.51 -6.11
C GLY A 45 8.87 -19.75 -6.85
N LEU A 46 8.44 -18.61 -6.32
CA LEU A 46 7.40 -17.82 -6.97
C LEU A 46 7.58 -16.36 -6.59
N ASP A 47 6.94 -15.49 -7.36
CA ASP A 47 6.91 -14.06 -7.07
C ASP A 47 5.75 -13.78 -6.12
N CYS A 48 6.07 -13.46 -4.87
CA CYS A 48 5.04 -13.14 -3.88
C CYS A 48 4.62 -11.68 -4.05
N ASP A 49 3.99 -11.46 -5.20
CA ASP A 49 3.38 -10.21 -5.65
C ASP A 49 2.20 -9.89 -4.71
N ASP A 50 1.70 -8.66 -4.77
CA ASP A 50 0.51 -8.33 -3.97
C ASP A 50 -0.70 -9.17 -4.37
N THR A 51 -0.78 -9.56 -5.64
CA THR A 51 -1.86 -10.45 -6.05
C THR A 51 -1.73 -11.80 -5.38
N PHE A 52 -0.50 -12.31 -5.27
CA PHE A 52 -0.27 -13.59 -4.62
C PHE A 52 -0.64 -13.53 -3.14
N PHE A 53 -0.25 -12.46 -2.45
CA PHE A 53 -0.59 -12.33 -1.05
C PHE A 53 -2.10 -12.20 -0.82
N GLN A 54 -2.84 -11.56 -1.74
CA GLN A 54 -4.29 -11.53 -1.60
C GLN A 54 -4.88 -12.92 -1.67
N LYS A 55 -4.37 -13.73 -2.59
CA LYS A 55 -4.83 -15.11 -2.74
C LYS A 55 -4.52 -15.92 -1.49
N ARG A 56 -3.33 -15.73 -0.91
CA ARG A 56 -3.01 -16.44 0.32
C ARG A 56 -4.01 -16.09 1.40
N ILE A 57 -4.29 -14.80 1.56
CA ILE A 57 -5.23 -14.32 2.57
C ILE A 57 -6.64 -14.80 2.24
N GLU A 58 -7.05 -14.63 0.98
CA GLU A 58 -8.38 -15.06 0.56
C GLU A 58 -8.59 -16.55 0.78
N GLU A 59 -7.59 -17.37 0.43
CA GLU A 59 -7.71 -18.80 0.63
C GLU A 59 -7.69 -19.16 2.11
N PHE A 60 -6.70 -18.66 2.85
CA PHE A 60 -6.57 -19.02 4.25
C PHE A 60 -7.81 -18.68 5.07
N PHE A 61 -8.48 -17.58 4.76
CA PHE A 61 -9.63 -17.18 5.55
C PHE A 61 -10.97 -17.57 4.96
N ILE A 62 -11.11 -17.69 3.64
CA ILE A 62 -12.43 -17.96 3.09
C ILE A 62 -12.47 -19.22 2.24
N THR A 63 -11.70 -19.26 1.15
CA THR A 63 -11.88 -20.28 0.13
C THR A 63 -10.87 -21.42 0.18
N GLY A 64 -9.88 -21.39 1.07
CA GLY A 64 -8.88 -22.44 1.12
C GLY A 64 -9.49 -23.80 1.40
N GLU A 65 -9.09 -24.80 0.62
CA GLU A 65 -9.61 -26.16 0.78
C GLU A 65 -8.47 -27.12 1.07
N GLY A 66 -8.67 -28.00 2.05
CA GLY A 66 -7.66 -28.96 2.42
C GLY A 66 -6.73 -28.47 3.51
N HIS A 67 -5.51 -28.99 3.54
CA HIS A 67 -4.52 -28.61 4.54
C HIS A 67 -3.72 -27.40 4.09
N PHE A 68 -3.25 -26.62 5.07
CA PHE A 68 -2.48 -25.41 4.82
C PHE A 68 -1.12 -25.50 5.50
N ASN A 69 -0.13 -24.83 4.91
CA ASN A 69 1.21 -24.75 5.48
C ASN A 69 1.46 -23.39 6.11
N GLU A 70 2.65 -23.21 6.68
CA GLU A 70 3.02 -21.99 7.37
C GLU A 70 2.96 -20.74 6.50
N VAL A 71 2.96 -20.88 5.17
CA VAL A 71 2.92 -19.72 4.28
C VAL A 71 1.55 -19.58 3.60
N LEU A 72 0.51 -20.15 4.21
CA LEU A 72 -0.87 -20.04 3.76
C LEU A 72 -1.15 -20.71 2.41
N GLN A 73 -0.31 -21.66 2.01
CA GLN A 73 -0.55 -22.42 0.79
C GLN A 73 -1.38 -23.65 1.15
N PHE A 74 -2.23 -24.09 0.23
CA PHE A 74 -3.12 -25.21 0.47
C PHE A 74 -2.82 -26.39 -0.44
N ARG A 75 -3.02 -27.60 0.10
CA ARG A 75 -2.89 -28.87 -0.62
C ARG A 75 -4.03 -29.79 -0.20
N THR A 76 -4.68 -30.41 -1.17
CA THR A 76 -5.67 -31.43 -0.84
C THR A 76 -4.96 -32.72 -0.38
N PRO A 77 -5.41 -33.35 0.71
CA PRO A 77 -4.82 -34.59 1.20
C PRO A 77 -4.95 -35.74 0.20
N GLY A 89 14.32 -38.85 5.53
CA GLY A 89 15.39 -39.35 4.69
C GLY A 89 16.33 -38.28 4.17
N LEU A 90 16.43 -38.18 2.85
CA LEU A 90 17.40 -37.28 2.24
C LEU A 90 17.06 -35.82 2.54
N PRO A 91 18.07 -34.95 2.62
CA PRO A 91 17.81 -33.53 2.89
C PRO A 91 17.00 -32.88 1.77
N THR A 92 16.18 -31.90 2.16
CA THR A 92 15.27 -31.24 1.24
C THR A 92 15.50 -29.74 1.25
N ALA A 93 15.50 -29.13 0.06
CA ALA A 93 15.68 -27.69 -0.08
C ALA A 93 14.38 -26.90 0.07
N GLU A 94 13.28 -27.47 -0.38
CA GLU A 94 11.98 -26.82 -0.36
C GLU A 94 11.39 -26.82 1.05
N PRO A 95 11.16 -25.66 1.66
CA PRO A 95 10.54 -25.62 3.00
C PRO A 95 9.02 -25.64 2.97
N PHE A 96 8.43 -25.67 4.17
CA PHE A 96 6.98 -25.61 4.35
C PHE A 96 6.22 -26.72 3.60
N LYS A 97 6.76 -27.94 3.65
CA LYS A 97 6.09 -29.09 3.08
C LYS A 97 5.24 -29.83 4.11
N SER A 98 5.18 -29.34 5.35
CA SER A 98 4.34 -29.91 6.39
C SER A 98 3.08 -29.05 6.48
N TYR A 99 1.94 -29.64 6.14
CA TYR A 99 0.66 -28.96 6.14
C TYR A 99 -0.18 -29.37 7.35
N PHE A 100 -1.22 -28.58 7.63
CA PHE A 100 -2.09 -28.83 8.77
C PHE A 100 -3.53 -28.83 8.30
N ALA A 101 -4.32 -29.80 8.78
CA ALA A 101 -5.70 -29.93 8.32
C ALA A 101 -6.54 -28.71 8.70
N LYS A 102 -6.49 -28.30 9.96
CA LYS A 102 -7.25 -27.14 10.44
C LYS A 102 -6.56 -26.57 11.65
N GLY A 103 -6.93 -25.34 11.99
CA GLY A 103 -6.34 -24.70 13.13
C GLY A 103 -5.96 -23.25 12.93
N PHE A 104 -4.77 -22.88 13.39
CA PHE A 104 -4.33 -21.50 13.32
C PHE A 104 -2.87 -21.40 12.94
N LEU A 105 -2.49 -20.21 12.52
CA LEU A 105 -1.11 -19.84 12.24
C LEU A 105 -0.75 -18.66 13.13
N SER A 106 0.44 -18.71 13.73
CA SER A 106 0.93 -17.57 14.50
C SER A 106 1.61 -16.65 13.51
N ILE A 107 0.83 -15.73 12.95
CA ILE A 107 1.33 -14.78 11.96
C ILE A 107 2.13 -13.73 12.73
N ASP A 108 3.43 -13.99 12.91
CA ASP A 108 4.28 -13.22 13.80
C ASP A 108 5.45 -12.66 13.00
N SER A 109 5.51 -11.34 12.90
CA SER A 109 6.60 -10.66 12.20
C SER A 109 7.74 -10.28 13.11
N GLY A 110 7.67 -10.60 14.39
CA GLY A 110 8.67 -10.13 15.34
C GLY A 110 8.27 -8.79 15.95
N TYR A 111 7.89 -7.83 15.10
CA TYR A 111 7.39 -6.55 15.60
C TYR A 111 5.95 -6.66 16.09
N TYR A 112 5.16 -7.52 15.47
CA TYR A 112 3.75 -7.72 15.84
C TYR A 112 3.35 -9.14 15.47
N SER A 113 2.28 -9.62 16.09
CA SER A 113 1.79 -10.96 15.81
C SER A 113 0.28 -11.00 15.97
N ALA A 114 -0.33 -11.99 15.32
CA ALA A 114 -1.77 -12.24 15.42
C ALA A 114 -1.99 -13.73 15.22
N LYS A 115 -2.79 -14.32 16.10
CA LYS A 115 -3.16 -15.74 15.98
C LYS A 115 -4.38 -15.79 15.08
N CYS A 116 -4.18 -16.22 13.83
CA CYS A 116 -5.24 -16.24 12.83
C CYS A 116 -5.68 -17.67 12.54
N TYR A 117 -7.00 -17.88 12.53
CA TYR A 117 -7.61 -19.18 12.28
C TYR A 117 -7.96 -19.35 10.81
N SER A 118 -7.78 -20.56 10.29
CA SER A 118 -8.15 -20.84 8.91
C SER A 118 -9.67 -20.83 8.77
N GLY A 119 -10.14 -20.49 7.56
CA GLY A 119 -11.56 -20.56 7.28
C GLY A 119 -12.11 -21.98 7.35
N THR A 120 -11.27 -22.98 7.11
CA THR A 120 -11.68 -24.38 7.22
C THR A 120 -11.88 -24.81 8.67
N SER A 121 -11.48 -23.98 9.61
CA SER A 121 -11.61 -24.27 11.04
C SER A 121 -12.91 -23.75 11.66
N ASN A 122 -13.81 -23.16 10.86
CA ASN A 122 -15.10 -22.67 11.33
C ASN A 122 -16.23 -23.44 10.67
N SER A 123 -17.32 -23.67 11.40
CA SER A 123 -18.47 -24.36 10.82
C SER A 123 -19.12 -23.52 9.72
N GLY A 124 -19.07 -22.19 9.86
CA GLY A 124 -19.60 -21.31 8.84
C GLY A 124 -18.76 -20.05 8.77
N LEU A 125 -18.89 -19.36 7.65
CA LEU A 125 -18.10 -18.14 7.40
C LEU A 125 -18.34 -17.11 8.50
N GLN A 126 -17.27 -16.78 9.23
CA GLN A 126 -17.33 -15.81 10.31
C GLN A 126 -16.87 -14.41 9.88
N LEU A 127 -16.82 -14.15 8.58
CA LEU A 127 -16.51 -12.84 8.05
C LEU A 127 -17.76 -12.26 7.41
N ILE A 128 -18.00 -10.95 7.61
CA ILE A 128 -19.13 -10.27 6.99
C ILE A 128 -18.62 -9.41 5.84
N ASN A 129 -19.35 -9.47 4.74
CA ASN A 129 -19.10 -8.66 3.55
C ASN A 129 -19.59 -7.25 3.82
N ILE A 130 -18.69 -6.40 4.34
CA ILE A 130 -19.07 -5.01 4.61
C ILE A 130 -19.27 -4.18 3.35
N THR A 131 -18.96 -4.73 2.18
CA THR A 131 -19.30 -4.01 0.95
C THR A 131 -20.81 -4.00 0.76
N ARG A 132 -21.50 -5.05 1.22
CA ARG A 132 -22.95 -5.10 1.22
C ARG A 132 -23.57 -4.65 2.54
N HIS A 133 -23.03 -5.11 3.67
CA HIS A 133 -23.60 -4.84 4.98
C HIS A 133 -22.98 -3.64 5.68
N SER A 134 -22.53 -2.65 4.92
CA SER A 134 -22.06 -1.42 5.55
C SER A 134 -23.23 -0.79 6.29
N THR A 135 -22.96 -0.25 7.47
CA THR A 135 -24.02 0.31 8.29
C THR A 135 -24.45 1.69 7.80
N ARG A 136 -25.74 1.96 7.95
CA ARG A 136 -26.35 3.27 7.68
C ARG A 136 -27.27 3.51 8.88
N ILE A 137 -26.71 4.07 9.94
CA ILE A 137 -27.42 4.29 11.21
C ILE A 137 -27.64 5.77 11.40
N VAL A 138 -28.82 6.11 11.93
CA VAL A 138 -29.24 7.49 12.17
C VAL A 138 -28.90 7.88 13.61
N ASP A 139 -28.20 8.99 13.79
CA ASP A 139 -27.90 9.49 15.12
C ASP A 139 -29.19 9.87 15.85
N THR A 140 -29.16 9.79 17.17
CA THR A 140 -30.33 10.06 18.00
C THR A 140 -29.87 10.53 19.37
N PRO A 141 -30.73 11.23 20.12
CA PRO A 141 -30.37 11.64 21.48
C PRO A 141 -30.08 10.45 22.39
N GLY A 142 -29.04 10.61 23.22
CA GLY A 142 -28.66 9.58 24.18
C GLY A 142 -27.52 10.00 25.09
N PRO A 143 -27.41 9.33 26.24
CA PRO A 143 -26.38 9.68 27.23
C PRO A 143 -24.97 9.65 26.63
N LYS A 144 -24.23 10.75 26.84
CA LYS A 144 -22.84 10.79 26.39
C LYS A 144 -21.92 9.93 27.25
N ILE A 145 -22.35 9.55 28.45
CA ILE A 145 -21.60 8.67 29.34
C ILE A 145 -22.49 7.48 29.69
N THR A 146 -21.93 6.28 29.55
CA THR A 146 -22.64 5.04 29.83
C THR A 146 -21.86 4.22 30.85
N ASN A 147 -22.56 3.72 31.86
CA ASN A 147 -21.94 2.89 32.89
C ASN A 147 -21.74 1.47 32.35
N LEU A 148 -20.59 0.88 32.70
CA LEU A 148 -20.26 -0.45 32.21
C LEU A 148 -21.29 -1.50 32.66
N LYS A 149 -21.78 -1.38 33.89
CA LYS A 149 -22.76 -2.35 34.39
C LYS A 149 -24.14 -2.19 33.75
N THR A 150 -24.39 -1.10 33.02
CA THR A 150 -25.72 -0.82 32.50
C THR A 150 -25.67 -0.53 31.01
N ILE A 151 -24.71 -1.12 30.29
CA ILE A 151 -24.71 -1.00 28.85
C ILE A 151 -25.93 -1.72 28.31
N ASN A 152 -26.69 -1.05 27.46
CA ASN A 152 -27.81 -1.69 26.77
C ASN A 152 -27.75 -1.25 25.32
N CYS A 153 -26.94 -1.94 24.53
CA CYS A 153 -26.77 -1.62 23.13
C CYS A 153 -26.89 -2.89 22.30
N ILE A 154 -27.43 -2.74 21.09
CA ILE A 154 -27.56 -3.88 20.18
C ILE A 154 -26.18 -4.38 19.75
N ASN A 155 -25.22 -3.47 19.61
CA ASN A 155 -23.90 -3.82 19.10
C ASN A 155 -22.90 -4.19 20.19
N LEU A 156 -23.24 -4.01 21.47
CA LEU A 156 -22.31 -4.27 22.55
C LEU A 156 -22.96 -5.12 23.64
N LYS A 157 -22.29 -6.22 24.00
CA LYS A 157 -22.69 -7.07 25.12
C LYS A 157 -21.50 -7.20 26.06
N ALA A 158 -21.64 -6.70 27.28
CA ALA A 158 -20.53 -6.63 28.23
C ALA A 158 -20.69 -7.66 29.33
N SER A 159 -19.60 -8.38 29.62
CA SER A 159 -19.55 -9.34 30.72
C SER A 159 -18.41 -8.95 31.64
N ILE A 160 -18.70 -8.87 32.93
CA ILE A 160 -17.70 -8.56 33.96
C ILE A 160 -17.38 -9.86 34.68
N PHE A 161 -16.15 -10.35 34.49
CA PHE A 161 -15.66 -11.55 35.16
C PHE A 161 -14.72 -11.13 36.28
N LYS A 162 -15.27 -11.00 37.49
CA LYS A 162 -14.43 -10.68 38.64
C LYS A 162 -13.45 -11.83 38.97
N GLU A 163 -13.79 -13.08 38.62
CA GLU A 163 -12.86 -14.17 38.89
C GLU A 163 -11.73 -14.24 37.87
N HIS A 164 -11.99 -13.87 36.62
CA HIS A 164 -10.91 -13.78 35.66
C HIS A 164 -10.16 -12.47 35.78
N ARG A 165 -10.58 -11.61 36.72
CA ARG A 165 -10.06 -10.24 36.84
C ARG A 165 -10.19 -9.50 35.50
N GLU A 166 -11.24 -9.80 34.72
CA GLU A 166 -11.34 -9.33 33.35
C GLU A 166 -12.73 -8.78 33.02
N VAL A 167 -12.76 -7.90 32.02
CA VAL A 167 -13.99 -7.39 31.41
C VAL A 167 -13.95 -7.78 29.94
N GLU A 168 -15.06 -8.31 29.43
CA GLU A 168 -15.18 -8.66 28.03
C GLU A 168 -16.29 -7.84 27.38
N ILE A 169 -15.98 -7.21 26.25
CA ILE A 169 -16.94 -6.44 25.47
C ILE A 169 -17.17 -7.20 24.17
N ASN A 170 -18.30 -7.90 24.07
CA ASN A 170 -18.67 -8.54 22.81
C ASN A 170 -19.21 -7.47 21.86
N VAL A 171 -18.57 -7.34 20.70
CA VAL A 171 -18.97 -6.38 19.68
C VAL A 171 -19.74 -7.14 18.62
N LEU A 172 -21.05 -6.87 18.52
CA LEU A 172 -21.90 -7.60 17.58
C LEU A 172 -22.03 -6.92 16.22
N LEU A 173 -21.68 -5.64 16.12
CA LEU A 173 -21.69 -4.90 14.85
C LEU A 173 -20.30 -4.31 14.64
N PRO A 174 -19.35 -5.12 14.15
CA PRO A 174 -17.98 -4.61 13.95
C PRO A 174 -17.90 -3.45 12.97
N GLN A 175 -18.95 -3.22 12.17
CA GLN A 175 -18.97 -2.09 11.24
C GLN A 175 -19.01 -0.77 11.99
N VAL A 176 -19.40 -0.79 13.26
CA VAL A 176 -19.51 0.40 14.10
C VAL A 176 -18.25 0.50 14.95
N ALA A 177 -17.50 1.58 14.78
CA ALA A 177 -16.19 1.69 15.39
C ALA A 177 -16.29 1.68 16.91
N VAL A 178 -15.34 1.01 17.55
CA VAL A 178 -15.13 1.11 18.99
C VAL A 178 -13.72 1.66 19.19
N ASN A 179 -13.63 2.80 19.87
CA ASN A 179 -12.39 3.56 19.96
C ASN A 179 -11.80 3.40 21.34
N LEU A 180 -10.55 2.91 21.41
CA LEU A 180 -9.87 2.74 22.69
C LEU A 180 -9.24 4.06 23.13
N SER A 181 -9.17 4.23 24.44
CA SER A 181 -8.53 5.40 25.04
C SER A 181 -7.79 4.94 26.28
N ASN A 182 -6.46 4.92 26.21
CA ASN A 182 -5.60 4.44 27.29
C ASN A 182 -5.95 3.01 27.70
N CYS A 183 -6.01 2.12 26.71
CA CYS A 183 -6.31 0.72 26.96
C CYS A 183 -5.22 -0.19 26.41
N HIS A 184 -5.04 -1.32 27.10
CA HIS A 184 -4.23 -2.45 26.66
C HIS A 184 -5.19 -3.63 26.67
N VAL A 185 -5.64 -4.03 25.48
CA VAL A 185 -6.68 -5.04 25.35
C VAL A 185 -6.21 -6.13 24.40
N VAL A 186 -6.88 -7.28 24.50
CA VAL A 186 -6.71 -8.39 23.57
C VAL A 186 -7.99 -8.54 22.79
N ILE A 187 -7.88 -8.62 21.47
CA ILE A 187 -9.04 -8.84 20.61
C ILE A 187 -9.12 -10.33 20.33
N LYS A 188 -10.32 -10.89 20.51
CA LYS A 188 -10.55 -12.30 20.20
C LYS A 188 -11.72 -12.40 19.23
N SER A 189 -11.59 -13.30 18.26
CA SER A 189 -12.62 -13.49 17.24
C SER A 189 -12.41 -14.85 16.61
N HIS A 190 -13.30 -15.20 15.69
CA HIS A 190 -13.16 -16.41 14.91
C HIS A 190 -12.24 -16.23 13.72
N VAL A 191 -11.61 -15.06 13.59
CA VAL A 191 -10.71 -14.76 12.48
C VAL A 191 -9.27 -14.61 12.95
N CYS A 192 -9.00 -13.64 13.82
CA CYS A 192 -7.65 -13.48 14.36
C CYS A 192 -7.74 -12.93 15.78
N ASP A 193 -6.79 -13.33 16.61
CA ASP A 193 -6.65 -12.84 17.98
C ASP A 193 -5.33 -12.08 18.09
N TYR A 194 -5.40 -10.87 18.64
CA TYR A 194 -4.23 -10.00 18.68
C TYR A 194 -4.42 -8.97 19.78
N SER A 195 -3.32 -8.33 20.16
CA SER A 195 -3.31 -7.33 21.23
C SER A 195 -3.30 -5.92 20.66
N LEU A 196 -4.08 -5.04 21.28
CA LEU A 196 -4.12 -3.62 20.91
C LEU A 196 -3.77 -2.78 22.13
N ASP A 197 -2.92 -1.78 21.89
CA ASP A 197 -2.49 -0.88 22.96
C ASP A 197 -2.44 0.57 22.47
N ILE A 198 -3.04 0.88 21.33
CA ILE A 198 -2.96 2.21 20.73
C ILE A 198 -4.35 2.84 20.73
N ASP A 199 -4.41 4.15 20.94
CA ASP A 199 -5.68 4.86 20.96
C ASP A 199 -6.35 4.84 19.59
N GLY A 200 -7.67 4.87 19.60
CA GLY A 200 -8.44 4.98 18.37
C GLY A 200 -9.26 3.73 18.10
N ALA A 201 -9.83 3.71 16.89
CA ALA A 201 -10.75 2.65 16.52
C ALA A 201 -10.06 1.30 16.57
N VAL A 202 -10.79 0.28 17.04
CA VAL A 202 -10.24 -1.06 17.07
C VAL A 202 -9.96 -1.53 15.65
N ARG A 203 -8.73 -1.94 15.39
CA ARG A 203 -8.38 -2.47 14.10
C ARG A 203 -8.92 -3.88 13.94
N LEU A 204 -9.43 -4.18 12.75
CA LEU A 204 -9.99 -5.49 12.44
C LEU A 204 -9.32 -6.03 11.19
N PRO A 205 -9.14 -7.34 11.10
CA PRO A 205 -8.55 -7.93 9.89
C PRO A 205 -9.48 -7.77 8.70
N HIS A 206 -8.94 -7.24 7.60
CA HIS A 206 -9.67 -7.01 6.37
C HIS A 206 -9.24 -8.03 5.32
N ILE A 207 -10.20 -8.78 4.79
CA ILE A 207 -9.95 -9.76 3.73
C ILE A 207 -10.66 -9.25 2.49
N TYR A 208 -9.94 -9.19 1.37
CA TYR A 208 -10.52 -8.73 0.11
C TYR A 208 -10.84 -9.93 -0.75
N HIS A 209 -12.13 -10.12 -1.03
CA HIS A 209 -12.63 -11.24 -1.81
C HIS A 209 -13.91 -10.75 -2.50
N GLU A 210 -13.72 -10.10 -3.66
CA GLU A 210 -14.85 -9.51 -4.39
C GLU A 210 -15.67 -8.63 -3.46
N GLY A 211 -14.95 -7.83 -2.66
CA GLY A 211 -15.53 -6.99 -1.63
C GLY A 211 -14.67 -7.05 -0.38
N VAL A 212 -15.00 -6.25 0.63
CA VAL A 212 -14.22 -6.17 1.86
C VAL A 212 -14.89 -7.01 2.93
N PHE A 213 -14.13 -7.89 3.56
CA PHE A 213 -14.62 -8.77 4.61
C PHE A 213 -13.90 -8.47 5.92
N ILE A 214 -14.68 -8.42 7.01
CA ILE A 214 -14.16 -8.24 8.37
C ILE A 214 -14.87 -9.23 9.27
N PRO A 215 -14.31 -9.53 10.45
CA PRO A 215 -15.01 -10.43 11.38
C PRO A 215 -16.45 -9.99 11.62
N GLY A 216 -17.36 -10.96 11.64
CA GLY A 216 -18.76 -10.65 11.87
C GLY A 216 -19.05 -10.26 13.30
N THR A 217 -18.21 -10.73 14.23
CA THR A 217 -18.29 -10.42 15.65
C THR A 217 -16.87 -10.49 16.19
N TYR A 218 -16.64 -9.82 17.31
CA TYR A 218 -15.36 -9.92 17.98
C TYR A 218 -15.55 -9.53 19.45
N LYS A 219 -14.49 -9.73 20.22
CA LYS A 219 -14.53 -9.52 21.65
C LYS A 219 -13.33 -8.69 22.07
N ILE A 220 -13.57 -7.70 22.91
CA ILE A 220 -12.51 -6.89 23.51
C ILE A 220 -12.34 -7.42 24.93
N VAL A 221 -11.17 -7.99 25.21
CA VAL A 221 -10.84 -8.54 26.53
C VAL A 221 -9.90 -7.56 27.22
N ILE A 222 -10.32 -7.06 28.37
CA ILE A 222 -9.60 -6.01 29.09
C ILE A 222 -9.21 -6.55 30.46
N ASP A 223 -7.90 -6.72 30.67
CA ASP A 223 -7.38 -7.20 31.94
C ASP A 223 -7.35 -6.02 32.90
N LYS A 224 -8.24 -6.03 33.88
CA LYS A 224 -8.25 -4.96 34.88
C LYS A 224 -7.18 -5.17 35.94
N LYS A 225 -6.57 -6.34 36.01
CA LYS A 225 -5.40 -6.54 36.85
C LYS A 225 -4.20 -5.72 36.35
N ASN A 226 -4.13 -5.45 35.05
CA ASN A 226 -3.06 -4.64 34.47
C ASN A 226 -3.28 -3.17 34.80
N LYS A 227 -2.33 -2.56 35.51
CA LYS A 227 -2.47 -1.17 35.92
C LYS A 227 -2.52 -0.21 34.74
N LEU A 228 -2.00 -0.59 33.57
CA LEU A 228 -2.12 0.29 32.42
C LEU A 228 -3.55 0.40 31.89
N ASN A 229 -4.47 -0.41 32.40
CA ASN A 229 -5.88 -0.33 32.02
C ASN A 229 -6.71 0.45 33.03
N ASP A 230 -6.07 1.06 34.05
CA ASP A 230 -6.80 1.73 35.12
C ASP A 230 -7.69 2.86 34.63
N ARG A 231 -7.39 3.46 33.48
CA ARG A 231 -8.22 4.53 32.92
C ARG A 231 -8.77 4.16 31.55
N CYS A 232 -8.74 2.86 31.21
CA CYS A 232 -9.22 2.39 29.93
C CYS A 232 -10.67 2.81 29.70
N THR A 233 -10.91 3.45 28.56
CA THR A 233 -12.20 4.00 28.21
C THR A 233 -12.52 3.67 26.75
N LEU A 234 -13.77 3.34 26.47
CA LEU A 234 -14.24 3.08 25.12
C LEU A 234 -15.15 4.21 24.66
N PHE A 235 -14.90 4.70 23.46
CA PHE A 235 -15.79 5.64 22.78
C PHE A 235 -16.42 4.91 21.61
N THR A 236 -17.75 4.86 21.57
CA THR A 236 -18.43 4.15 20.50
C THR A 236 -19.85 4.68 20.37
N ASP A 237 -20.53 4.24 19.33
CA ASP A 237 -21.95 4.51 19.13
C ASP A 237 -22.76 3.37 19.74
N CYS A 238 -23.79 3.71 20.50
CA CYS A 238 -24.68 2.71 21.09
C CYS A 238 -25.87 2.54 20.16
N VAL A 239 -25.90 1.42 19.44
CA VAL A 239 -26.96 1.16 18.48
C VAL A 239 -28.20 0.68 19.22
N ILE A 240 -29.35 1.29 18.91
CA ILE A 240 -30.61 0.96 19.56
C ILE A 240 -31.70 0.80 18.52
N LYS A 241 -32.71 0.00 18.86
CA LYS A 241 -33.82 -0.26 17.97
C LYS A 241 -34.80 0.90 17.96
N GLY A 242 -35.18 1.34 16.77
CA GLY A 242 -36.13 2.41 16.60
C GLY A 242 -37.52 1.95 16.19
N ARG A 243 -38.23 2.86 15.55
CA ARG A 243 -39.62 2.70 15.16
C ARG A 243 -39.77 1.61 14.10
N GLU A 244 -40.98 1.07 14.03
CA GLU A 244 -41.32 0.05 13.04
C GLU A 244 -41.54 0.72 11.68
N VAL A 245 -40.81 0.26 10.68
CA VAL A 245 -40.88 0.81 9.35
C VAL A 245 -41.54 -0.16 8.38
N ARG A 246 -41.29 -1.45 8.58
CA ARG A 246 -41.81 -2.51 7.75
C ARG A 246 -42.42 -3.59 8.65
N LYS A 247 -42.92 -4.67 8.06
CA LYS A 247 -43.53 -5.75 8.85
C LYS A 247 -42.45 -6.53 9.60
N GLY A 248 -42.39 -6.33 10.93
CA GLY A 248 -41.41 -7.02 11.75
C GLY A 248 -40.00 -6.50 11.71
N CYS A 249 -39.79 -5.27 11.25
CA CYS A 249 -38.45 -4.70 11.20
C CYS A 249 -38.47 -3.27 11.72
N SER A 250 -37.38 -2.88 12.37
CA SER A 250 -37.25 -1.55 12.95
C SER A 250 -35.94 -0.92 12.49
N VAL A 251 -35.99 0.38 12.22
CA VAL A 251 -34.80 1.09 11.77
C VAL A 251 -33.84 1.30 12.93
N LEU A 252 -32.55 1.13 12.63
CA LEU A 252 -31.50 1.27 13.63
C LEU A 252 -31.17 2.73 13.90
N ARG A 253 -30.90 3.03 15.17
CA ARG A 253 -30.49 4.34 15.66
C ARG A 253 -29.21 4.16 16.46
N GLN A 254 -28.48 5.25 16.65
CA GLN A 254 -27.26 5.19 17.43
C GLN A 254 -26.98 6.53 18.09
N TYR A 255 -26.28 6.47 19.22
CA TYR A 255 -25.84 7.68 19.91
C TYR A 255 -24.43 7.49 20.46
N LYS A 256 -23.60 8.51 20.29
CA LYS A 256 -22.23 8.49 20.79
C LYS A 256 -22.23 8.43 22.31
N THR A 257 -21.40 7.54 22.87
CA THR A 257 -21.34 7.41 24.33
C THR A 257 -19.93 7.00 24.73
N GLU A 258 -19.60 7.30 25.99
CA GLU A 258 -18.31 7.00 26.60
C GLU A 258 -18.49 5.98 27.72
N ILE A 259 -17.73 4.89 27.66
CA ILE A 259 -17.84 3.80 28.63
C ILE A 259 -16.51 3.64 29.34
N ARG A 260 -16.49 3.96 30.64
CA ARG A 260 -15.30 3.76 31.47
C ARG A 260 -15.23 2.31 31.93
N ILE A 261 -14.06 1.68 31.78
CA ILE A 261 -13.86 0.29 32.18
C ILE A 261 -12.85 0.17 33.31
N GLY A 262 -11.72 0.88 33.20
CA GLY A 262 -10.63 0.72 34.15
C GLY A 262 -10.92 1.12 35.57
N GLY A 263 -11.88 2.02 35.79
CA GLY A 263 -12.13 2.49 37.15
C GLY A 263 -12.72 1.49 38.11
N GLY A 264 -13.30 2.00 39.20
CA GLY A 264 -13.93 1.14 40.19
C GLY A 264 -13.30 1.26 41.56
N SER A 265 -13.55 0.26 42.41
CA SER A 265 -13.05 0.24 43.77
C SER A 265 -12.40 -1.10 44.07
N GLY A 266 -11.47 -1.08 45.02
CA GLY A 266 -10.84 -2.29 45.50
C GLY A 266 -11.51 -2.85 46.74
N GLY A 267 -10.98 -3.99 47.19
CA GLY A 267 -11.37 -4.57 48.45
C GLY A 267 -12.74 -5.23 48.46
N LYS B 20 -30.34 -14.08 19.36
CA LYS B 20 -30.40 -14.13 17.90
C LYS B 20 -30.87 -12.77 17.37
N ILE B 21 -29.97 -12.10 16.65
CA ILE B 21 -30.18 -10.75 16.13
C ILE B 21 -30.05 -10.79 14.60
N THR B 22 -31.01 -10.18 13.91
CA THR B 22 -31.01 -10.13 12.45
C THR B 22 -30.87 -8.68 11.96
N ILE B 23 -29.84 -8.42 11.15
CA ILE B 23 -29.56 -7.10 10.61
C ILE B 23 -29.80 -7.13 9.11
N CYS B 24 -30.59 -6.20 8.61
CA CYS B 24 -30.94 -6.13 7.20
C CYS B 24 -30.53 -4.80 6.58
N ASN B 25 -29.88 -4.88 5.42
CA ASN B 25 -29.40 -3.71 4.69
C ASN B 25 -28.61 -2.73 5.56
N GLY B 26 -27.95 -3.25 6.59
CA GLY B 26 -27.15 -2.46 7.50
C GLY B 26 -27.85 -1.30 8.17
N SER B 27 -29.19 -1.30 8.16
CA SER B 27 -29.95 -0.17 8.65
C SER B 27 -31.20 -0.55 9.42
N THR B 28 -31.55 -1.83 9.49
CA THR B 28 -32.74 -2.26 10.22
C THR B 28 -32.41 -3.55 10.95
N ILE B 29 -33.20 -3.81 12.00
CA ILE B 29 -33.13 -5.05 12.75
C ILE B 29 -34.48 -5.73 12.66
N CYS B 30 -34.48 -7.01 12.30
CA CYS B 30 -35.71 -7.74 12.10
C CYS B 30 -35.76 -8.94 13.04
N ASP B 31 -36.97 -9.40 13.30
CA ASP B 31 -37.18 -10.58 14.14
C ASP B 31 -36.90 -11.85 13.34
N GLN B 32 -37.14 -13.00 13.99
CA GLN B 32 -36.75 -14.29 13.43
C GLN B 32 -37.38 -14.58 12.07
N ARG B 33 -38.64 -14.18 11.85
CA ARG B 33 -39.34 -14.55 10.62
C ARG B 33 -38.61 -14.07 9.36
N LEU B 34 -38.16 -12.81 9.33
CA LEU B 34 -37.49 -12.27 8.16
C LEU B 34 -35.97 -12.43 8.20
N GLY B 35 -35.45 -13.28 9.08
CA GLY B 35 -34.02 -13.49 9.13
C GLY B 35 -33.44 -14.03 7.83
N SER B 36 -34.25 -14.74 7.05
CA SER B 36 -33.82 -15.31 5.78
C SER B 36 -34.07 -14.42 4.58
N GLU B 37 -34.55 -13.19 4.77
CA GLU B 37 -34.86 -12.33 3.64
C GLU B 37 -33.59 -11.79 2.98
N LEU B 38 -33.79 -11.18 1.81
CA LEU B 38 -32.71 -10.62 1.01
C LEU B 38 -31.98 -9.52 1.76
N GLY B 39 -30.65 -9.51 1.62
CA GLY B 39 -29.82 -8.49 2.24
C GLY B 39 -29.67 -8.57 3.74
N CYS B 40 -30.20 -9.62 4.37
CA CYS B 40 -30.12 -9.80 5.82
C CYS B 40 -29.05 -10.82 6.19
N TYR B 41 -28.58 -10.71 7.44
CA TYR B 41 -27.67 -11.68 8.04
C TYR B 41 -27.95 -11.70 9.54
N THR B 42 -27.59 -12.80 10.17
CA THR B 42 -27.95 -13.05 11.56
C THR B 42 -26.74 -13.27 12.44
N ILE B 43 -26.78 -12.73 13.66
CA ILE B 43 -25.75 -12.93 14.67
C ILE B 43 -26.37 -13.77 15.78
N ASN B 44 -25.78 -14.94 16.03
CA ASN B 44 -26.29 -15.89 17.02
C ASN B 44 -25.44 -15.90 18.27
N ARG B 45 -26.08 -15.87 19.42
CA ARG B 45 -25.40 -16.12 20.69
C ARG B 45 -25.30 -17.64 20.85
N VAL B 46 -24.09 -18.15 21.10
CA VAL B 46 -23.89 -19.58 21.26
C VAL B 46 -23.68 -19.90 22.73
N ARG B 47 -24.47 -20.85 23.23
CA ARG B 47 -24.40 -21.31 24.61
C ARG B 47 -24.43 -22.83 24.56
N SER B 48 -23.30 -23.46 24.83
CA SER B 48 -23.23 -24.91 24.78
C SER B 48 -21.97 -25.37 25.49
N PHE B 49 -21.82 -26.68 25.57
CA PHE B 49 -20.64 -27.31 26.12
C PHE B 49 -20.00 -28.11 24.99
N LYS B 50 -18.68 -28.27 25.03
CA LYS B 50 -18.02 -29.02 24.00
C LYS B 50 -16.80 -29.72 24.58
N LEU B 51 -16.34 -30.74 23.86
CA LEU B 51 -15.14 -31.47 24.25
C LEU B 51 -13.91 -30.70 23.80
N GLY B 52 -12.95 -30.54 24.72
CA GLY B 52 -11.74 -29.81 24.44
C GLY B 52 -10.70 -30.68 23.76
N ILE C 6 11.33 -1.12 20.79
CA ILE C 6 12.45 -0.58 20.01
C ILE C 6 12.16 0.84 19.52
N ILE C 7 13.02 1.77 19.93
CA ILE C 7 12.92 3.18 19.55
C ILE C 7 14.03 3.48 18.57
N LEU C 8 13.65 3.95 17.38
CA LEU C 8 14.63 4.29 16.35
C LEU C 8 15.32 5.60 16.68
N THR C 9 16.60 5.68 16.36
CA THR C 9 17.34 6.92 16.50
C THR C 9 16.99 7.87 15.36
N LEU C 10 17.58 9.06 15.40
CA LEU C 10 17.32 10.05 14.36
C LEU C 10 17.66 9.52 12.97
N SER C 11 18.87 8.96 12.84
CA SER C 11 19.32 8.47 11.54
C SER C 11 18.55 7.24 11.08
N GLN C 12 18.25 6.32 11.99
CA GLN C 12 17.50 5.12 11.62
C GLN C 12 16.12 5.48 11.08
N GLY C 13 15.41 6.37 11.77
CA GLY C 13 14.08 6.75 11.32
C GLY C 13 14.09 7.49 10.00
N LEU C 14 15.11 8.34 9.79
CA LEU C 14 15.22 9.05 8.52
C LEU C 14 15.36 8.08 7.35
N LYS C 15 16.13 7.00 7.53
CA LYS C 15 16.22 5.96 6.52
C LYS C 15 14.86 5.36 6.21
N LYS C 16 14.09 5.05 7.26
CA LYS C 16 12.76 4.50 7.05
C LYS C 16 11.81 5.53 6.48
N TYR C 17 11.97 6.79 6.89
CA TYR C 17 11.18 7.88 6.31
C TYR C 17 11.39 7.95 4.80
N TYR C 18 12.65 7.83 4.36
CA TYR C 18 12.94 7.79 2.94
C TYR C 18 12.48 6.49 2.29
N GLY C 19 12.53 5.37 3.02
CA GLY C 19 12.00 4.13 2.47
C GLY C 19 10.53 4.23 2.18
N LYS C 20 9.79 4.95 3.03
CA LYS C 20 8.38 5.18 2.80
C LYS C 20 8.15 5.98 1.53
N ILE C 21 8.91 7.05 1.34
CA ILE C 21 8.76 7.90 0.16
C ILE C 21 9.08 7.12 -1.11
N LEU C 22 10.18 6.35 -1.09
CA LEU C 22 10.53 5.54 -2.24
C LEU C 22 9.42 4.55 -2.59
N ARG C 23 8.79 3.97 -1.57
CA ARG C 23 7.66 3.07 -1.83
C ARG C 23 6.50 3.83 -2.47
N LEU C 24 6.17 5.00 -1.94
CA LEU C 24 5.05 5.76 -2.47
C LEU C 24 5.35 6.31 -3.85
N LEU C 25 6.62 6.62 -4.14
CA LEU C 25 6.99 7.02 -5.49
C LEU C 25 6.92 5.87 -6.47
N GLN C 26 6.71 4.64 -5.96
CA GLN C 26 6.69 3.41 -6.76
C GLN C 26 8.06 3.14 -7.39
N LEU C 27 9.13 3.57 -6.72
CA LEU C 27 10.49 3.18 -7.08
C LEU C 27 10.91 1.89 -6.42
N THR C 28 10.27 1.51 -5.31
CA THR C 28 10.53 0.27 -4.62
C THR C 28 9.22 -0.43 -4.35
N LEU C 29 9.27 -1.76 -4.30
CA LEU C 29 8.12 -2.58 -3.92
C LEU C 29 8.17 -3.05 -2.48
N GLU C 30 9.22 -2.68 -1.75
CA GLU C 30 9.41 -3.10 -0.37
C GLU C 30 9.80 -1.89 0.47
N GLU C 31 9.73 -2.05 1.78
CA GLU C 31 10.06 -0.96 2.69
C GLU C 31 10.39 -1.54 4.06
N ASP C 32 11.00 -0.71 4.89
CA ASP C 32 11.19 -1.01 6.32
C ASP C 32 10.72 0.25 7.03
N THR C 33 9.50 0.21 7.56
CA THR C 33 8.91 1.36 8.24
C THR C 33 8.55 1.05 9.69
N GLU C 34 9.05 -0.06 10.24
CA GLU C 34 8.78 -0.39 11.62
C GLU C 34 9.34 0.69 12.54
N GLY C 35 8.45 1.32 13.32
CA GLY C 35 8.83 2.37 14.23
C GLY C 35 8.80 3.76 13.64
N LEU C 36 8.47 3.90 12.35
CA LEU C 36 8.49 5.20 11.71
C LEU C 36 7.46 6.16 12.31
N LEU C 37 6.24 5.68 12.55
CA LEU C 37 5.19 6.56 13.04
C LEU C 37 5.54 7.13 14.40
N GLU C 38 6.08 6.29 15.28
CA GLU C 38 6.55 6.77 16.57
C GLU C 38 7.74 7.70 16.39
N TRP C 39 8.64 7.38 15.44
CA TRP C 39 9.76 8.27 15.14
C TRP C 39 9.29 9.64 14.66
N CYS C 40 8.26 9.67 13.81
CA CYS C 40 7.72 10.95 13.33
C CYS C 40 7.11 11.75 14.48
N LYS C 41 6.37 11.08 15.37
CA LYS C 41 5.81 11.78 16.52
C LYS C 41 6.91 12.41 17.37
N ARG C 42 7.97 11.67 17.64
CA ARG C 42 9.01 12.16 18.54
C ARG C 42 9.85 13.26 17.92
N ASN C 43 10.07 13.23 16.60
CA ASN C 43 10.95 14.19 15.97
C ASN C 43 10.24 15.24 15.13
N LEU C 44 9.00 15.00 14.72
CA LEU C 44 8.24 15.98 13.96
C LEU C 44 6.97 16.46 14.66
N GLY C 45 6.54 15.81 15.73
CA GLY C 45 5.28 16.20 16.36
C GLY C 45 4.13 16.05 15.39
N LEU C 46 4.17 15.02 14.56
CA LEU C 46 3.20 14.80 13.51
C LEU C 46 2.86 13.32 13.43
N ASP C 47 1.70 13.02 12.87
CA ASP C 47 1.37 11.66 12.46
C ASP C 47 1.67 11.57 10.97
N CYS C 48 2.75 10.87 10.63
CA CYS C 48 3.15 10.74 9.23
C CYS C 48 2.39 9.58 8.57
N ASP C 49 1.09 9.80 8.41
CA ASP C 49 0.25 8.84 7.70
C ASP C 49 0.48 8.95 6.20
N ASP C 50 -0.16 8.05 5.45
CA ASP C 50 -0.01 8.08 4.00
C ASP C 50 -0.51 9.40 3.40
N THR C 51 -1.51 10.02 4.01
CA THR C 51 -1.96 11.32 3.53
C THR C 51 -0.87 12.37 3.68
N PHE C 52 -0.18 12.38 4.82
CA PHE C 52 0.89 13.35 5.05
C PHE C 52 2.01 13.19 4.04
N PHE C 53 2.46 11.94 3.83
CA PHE C 53 3.53 11.69 2.87
C PHE C 53 3.13 12.10 1.45
N GLN C 54 1.88 11.85 1.06
CA GLN C 54 1.43 12.29 -0.26
C GLN C 54 1.51 13.79 -0.39
N LYS C 55 1.20 14.53 0.68
CA LYS C 55 1.37 15.97 0.65
C LYS C 55 2.84 16.36 0.56
N ARG C 56 3.72 15.64 1.27
CA ARG C 56 5.16 15.91 1.18
C ARG C 56 5.65 15.71 -0.25
N ILE C 57 5.26 14.60 -0.88
CA ILE C 57 5.70 14.30 -2.23
C ILE C 57 5.13 15.33 -3.20
N GLU C 58 3.84 15.62 -3.07
CA GLU C 58 3.18 16.61 -3.91
C GLU C 58 3.86 17.98 -3.79
N GLU C 59 4.23 18.37 -2.57
CA GLU C 59 4.89 19.67 -2.38
C GLU C 59 6.31 19.65 -2.92
N PHE C 60 7.12 18.66 -2.51
CA PHE C 60 8.52 18.64 -2.92
C PHE C 60 8.68 18.65 -4.43
N PHE C 61 7.85 17.87 -5.13
CA PHE C 61 8.00 17.75 -6.58
C PHE C 61 7.19 18.77 -7.38
N ILE C 62 5.99 19.16 -6.94
CA ILE C 62 5.17 20.01 -7.79
C ILE C 62 4.77 21.34 -7.14
N THR C 63 4.06 21.27 -6.02
CA THR C 63 3.39 22.44 -5.47
C THR C 63 4.18 23.22 -4.43
N GLY C 64 5.24 22.64 -3.88
CA GLY C 64 5.97 23.31 -2.82
C GLY C 64 6.55 24.65 -3.19
N GLU C 65 6.36 25.63 -2.32
CA GLU C 65 6.93 26.96 -2.52
C GLU C 65 7.73 27.33 -1.28
N GLY C 66 8.87 27.96 -1.49
CA GLY C 66 9.79 28.27 -0.41
C GLY C 66 10.90 27.24 -0.31
N HIS C 67 11.59 27.28 0.82
CA HIS C 67 12.71 26.39 1.06
C HIS C 67 12.23 25.08 1.68
N PHE C 68 12.93 24.00 1.34
CA PHE C 68 12.59 22.67 1.83
C PHE C 68 13.71 22.13 2.71
N ASN C 69 13.33 21.28 3.67
CA ASN C 69 14.27 20.59 4.54
C ASN C 69 14.39 19.13 4.12
N GLU C 70 15.26 18.38 4.82
CA GLU C 70 15.52 16.98 4.48
C GLU C 70 14.30 16.09 4.64
N VAL C 71 13.23 16.58 5.28
CA VAL C 71 12.01 15.81 5.49
C VAL C 71 10.92 16.20 4.49
N LEU C 72 11.27 17.03 3.49
CA LEU C 72 10.37 17.51 2.45
C LEU C 72 9.31 18.47 2.96
N GLN C 73 9.55 19.11 4.11
CA GLN C 73 8.66 20.15 4.60
C GLN C 73 9.14 21.50 4.07
N PHE C 74 8.19 22.41 3.85
CA PHE C 74 8.53 23.72 3.30
C PHE C 74 8.32 24.82 4.33
N ARG C 75 9.20 25.82 4.25
CA ARG C 75 9.21 26.98 5.12
C ARG C 75 9.45 28.20 4.25
N THR C 76 8.75 29.30 4.51
CA THR C 76 8.93 30.51 3.71
C THR C 76 10.29 31.16 3.97
N PRO C 95 15.45 19.17 15.22
CA PRO C 95 15.99 18.35 14.13
C PRO C 95 15.48 18.81 12.76
N PHE C 96 16.33 18.69 11.74
CA PHE C 96 15.98 19.12 10.38
C PHE C 96 15.66 20.61 10.33
N LYS C 97 16.46 21.41 11.01
CA LYS C 97 16.27 22.85 11.00
C LYS C 97 16.91 23.53 9.79
N SER C 98 17.62 22.79 8.94
CA SER C 98 18.26 23.35 7.77
C SER C 98 17.33 23.24 6.56
N TYR C 99 17.02 24.39 5.96
CA TYR C 99 16.16 24.45 4.79
C TYR C 99 16.97 24.98 3.60
N PHE C 100 16.56 24.59 2.39
CA PHE C 100 17.34 24.87 1.20
C PHE C 100 16.44 25.42 0.10
N ALA C 101 16.95 26.41 -0.63
CA ALA C 101 16.16 27.07 -1.66
C ALA C 101 15.83 26.11 -2.80
N LYS C 102 16.83 25.39 -3.28
CA LYS C 102 16.68 24.48 -4.40
C LYS C 102 17.77 23.42 -4.29
N GLY C 103 17.67 22.39 -5.13
CA GLY C 103 18.66 21.34 -5.13
C GLY C 103 18.03 19.96 -5.08
N PHE C 104 18.72 19.01 -4.47
CA PHE C 104 18.21 17.65 -4.40
C PHE C 104 18.40 17.06 -3.02
N LEU C 105 17.63 16.02 -2.75
CA LEU C 105 17.74 15.25 -1.52
C LEU C 105 18.15 13.83 -1.88
N SER C 106 19.06 13.26 -1.10
CA SER C 106 19.43 11.86 -1.26
C SER C 106 18.41 11.05 -0.49
N ILE C 107 17.32 10.68 -1.17
CA ILE C 107 16.27 9.89 -0.55
C ILE C 107 16.75 8.45 -0.51
N ASP C 108 17.44 8.11 0.58
CA ASP C 108 18.22 6.89 0.71
C ASP C 108 17.72 6.11 1.92
N SER C 109 17.21 4.91 1.69
CA SER C 109 16.64 4.09 2.75
C SER C 109 17.64 3.10 3.33
N GLY C 110 18.86 3.06 2.82
CA GLY C 110 19.83 2.05 3.17
C GLY C 110 19.74 0.83 2.27
N TYR C 111 18.52 0.44 1.91
CA TYR C 111 18.30 -0.66 0.98
C TYR C 111 18.26 -0.20 -0.47
N TYR C 112 17.92 1.07 -0.70
CA TYR C 112 17.81 1.64 -2.03
C TYR C 112 17.88 3.16 -1.88
N SER C 113 18.19 3.85 -2.98
CA SER C 113 18.27 5.30 -2.91
C SER C 113 17.94 5.94 -4.26
N ALA C 114 17.51 7.19 -4.19
CA ALA C 114 17.25 8.00 -5.38
C ALA C 114 17.61 9.45 -5.08
N LYS C 115 18.29 10.08 -6.03
CA LYS C 115 18.63 11.50 -5.98
C LYS C 115 17.50 12.27 -6.64
N CYS C 116 16.63 12.89 -5.83
CA CYS C 116 15.43 13.56 -6.32
C CYS C 116 15.53 15.07 -6.20
N TYR C 117 15.20 15.77 -7.31
CA TYR C 117 15.30 17.22 -7.40
C TYR C 117 13.96 17.87 -7.07
N SER C 118 14.00 18.92 -6.27
CA SER C 118 12.78 19.63 -5.92
C SER C 118 12.19 20.32 -7.14
N GLY C 119 10.86 20.48 -7.13
CA GLY C 119 10.22 21.20 -8.22
C GLY C 119 10.75 22.62 -8.37
N THR C 120 11.08 23.26 -7.25
CA THR C 120 11.61 24.62 -7.28
C THR C 120 12.93 24.72 -8.04
N SER C 121 13.64 23.62 -8.23
CA SER C 121 14.91 23.65 -8.95
C SER C 121 14.74 23.50 -10.45
N ASN C 122 13.51 23.36 -10.94
CA ASN C 122 13.21 23.30 -12.36
C ASN C 122 12.45 24.57 -12.75
N SER C 123 12.88 25.20 -13.85
CA SER C 123 12.20 26.42 -14.28
C SER C 123 10.79 26.16 -14.78
N GLY C 124 10.48 24.94 -15.16
CA GLY C 124 9.13 24.56 -15.57
C GLY C 124 8.87 23.12 -15.21
N LEU C 125 7.61 22.84 -14.85
CA LEU C 125 7.20 21.50 -14.42
C LEU C 125 7.66 20.42 -15.39
N GLN C 126 8.51 19.52 -14.90
CA GLN C 126 9.05 18.44 -15.71
C GLN C 126 8.31 17.12 -15.51
N LEU C 127 7.07 17.17 -15.03
CA LEU C 127 6.21 16.01 -14.87
C LEU C 127 5.00 16.15 -15.78
N ILE C 128 4.53 15.03 -16.33
CA ILE C 128 3.33 15.00 -17.16
C ILE C 128 2.20 14.30 -16.43
N ASN C 129 0.99 14.84 -16.58
CA ASN C 129 -0.23 14.26 -16.02
C ASN C 129 -0.62 13.03 -16.85
N ILE C 130 -0.23 11.85 -16.36
CA ILE C 130 -0.51 10.60 -17.06
C ILE C 130 -2.00 10.29 -17.17
N THR C 131 -2.83 10.83 -16.29
CA THR C 131 -4.27 10.61 -16.44
C THR C 131 -4.85 11.39 -17.61
N ARG C 132 -4.15 12.42 -18.10
CA ARG C 132 -4.54 13.16 -19.29
C ARG C 132 -3.77 12.73 -20.52
N HIS C 133 -2.44 12.69 -20.43
CA HIS C 133 -1.57 12.37 -21.56
C HIS C 133 -1.22 10.89 -21.66
N SER C 134 -2.09 10.00 -21.19
CA SER C 134 -1.85 8.57 -21.34
C SER C 134 -1.86 8.19 -22.82
N THR C 135 -0.94 7.31 -23.20
CA THR C 135 -0.83 6.85 -24.58
C THR C 135 -2.02 5.99 -24.99
N ARG C 136 -2.40 6.10 -26.26
CA ARG C 136 -3.44 5.30 -26.89
C ARG C 136 -2.99 4.89 -28.28
N ILE C 137 -1.68 4.70 -28.45
CA ILE C 137 -1.08 4.42 -29.75
C ILE C 137 -1.42 3.00 -30.19
N VAL C 138 -1.98 2.87 -31.39
CA VAL C 138 -2.39 1.59 -31.95
C VAL C 138 -1.22 0.84 -32.56
N ASP C 139 -1.12 -0.46 -32.24
CA ASP C 139 -0.06 -1.34 -32.73
C ASP C 139 -0.19 -1.59 -34.23
N THR C 140 0.97 -1.72 -34.89
CA THR C 140 1.07 -2.01 -36.31
C THR C 140 2.39 -2.72 -36.59
N PRO C 141 2.43 -3.64 -37.56
CA PRO C 141 3.66 -4.38 -37.86
C PRO C 141 4.89 -3.49 -38.09
N GLY C 142 6.04 -4.00 -37.66
CA GLY C 142 7.31 -3.36 -37.83
C GLY C 142 8.40 -4.30 -37.35
N PRO C 143 9.67 -3.98 -37.63
CA PRO C 143 10.76 -4.88 -37.24
C PRO C 143 10.73 -5.27 -35.78
N LYS C 144 10.62 -6.58 -35.51
CA LYS C 144 10.65 -7.09 -34.15
C LYS C 144 11.99 -6.84 -33.47
N ILE C 145 13.03 -6.55 -34.25
CA ILE C 145 14.35 -6.25 -33.73
C ILE C 145 14.85 -4.95 -34.38
N THR C 146 15.45 -4.09 -33.55
CA THR C 146 16.05 -2.84 -34.03
C THR C 146 17.37 -2.65 -33.31
N ASN C 147 18.46 -2.65 -34.06
CA ASN C 147 19.75 -2.45 -33.43
C ASN C 147 19.87 -1.00 -32.93
N LEU C 148 20.81 -0.82 -32.00
CA LEU C 148 21.00 0.47 -31.34
C LEU C 148 21.25 1.63 -32.32
N LYS C 149 21.82 1.34 -33.48
CA LYS C 149 22.00 2.37 -34.50
C LYS C 149 20.76 2.45 -35.38
N THR C 150 20.56 3.62 -36.00
CA THR C 150 19.44 3.92 -36.90
C THR C 150 18.10 3.45 -36.32
N ILE C 151 17.90 3.81 -35.04
CA ILE C 151 16.67 3.42 -34.33
C ILE C 151 15.45 4.03 -35.00
N ASN C 152 15.46 5.34 -35.21
CA ASN C 152 14.39 6.09 -35.89
C ASN C 152 13.01 5.83 -35.25
N CYS C 153 12.91 6.16 -33.96
CA CYS C 153 11.65 6.15 -33.24
C CYS C 153 11.46 7.55 -32.66
N ILE C 154 10.23 8.05 -32.62
CA ILE C 154 10.05 9.39 -32.08
C ILE C 154 10.19 9.38 -30.56
N ASN C 155 9.88 8.25 -29.91
CA ASN C 155 9.97 8.16 -28.47
C ASN C 155 11.37 7.84 -27.95
N LEU C 156 12.29 7.42 -28.81
CA LEU C 156 13.63 7.04 -28.40
C LEU C 156 14.68 7.79 -29.20
N LYS C 157 15.66 8.38 -28.49
CA LYS C 157 16.79 9.08 -29.08
C LYS C 157 18.05 8.54 -28.42
N ALA C 158 18.76 7.66 -29.12
CA ALA C 158 19.98 7.04 -28.60
C ALA C 158 21.24 7.85 -28.91
N SER C 159 22.19 7.81 -27.98
CA SER C 159 23.49 8.45 -28.15
C SER C 159 24.57 7.46 -27.74
N ILE C 160 25.54 7.27 -28.64
CA ILE C 160 26.62 6.29 -28.44
C ILE C 160 27.95 7.04 -28.28
N PHE C 161 28.59 6.83 -27.14
CA PHE C 161 29.86 7.45 -26.80
C PHE C 161 30.93 6.36 -26.90
N LYS C 162 31.42 6.18 -28.13
CA LYS C 162 32.39 5.14 -28.46
C LYS C 162 33.61 5.11 -27.54
N GLU C 163 34.07 6.28 -27.07
CA GLU C 163 35.28 6.32 -26.26
C GLU C 163 35.11 5.61 -24.93
N HIS C 164 34.02 5.90 -24.21
CA HIS C 164 33.77 5.25 -22.94
C HIS C 164 32.89 4.01 -23.07
N ARG C 165 32.37 3.76 -24.27
CA ARG C 165 31.45 2.64 -24.53
C ARG C 165 30.24 2.72 -23.61
N GLU C 166 29.70 3.94 -23.47
CA GLU C 166 28.48 4.21 -22.72
C GLU C 166 27.38 4.50 -23.73
N VAL C 167 26.17 4.01 -23.44
CA VAL C 167 25.02 4.22 -24.31
C VAL C 167 23.96 5.00 -23.54
N GLU C 168 23.46 6.06 -24.15
CA GLU C 168 22.39 6.87 -23.58
C GLU C 168 21.17 6.75 -24.48
N ILE C 169 20.07 6.25 -23.93
CA ILE C 169 18.80 6.20 -24.64
C ILE C 169 17.86 7.18 -23.98
N ASN C 170 17.54 8.26 -24.68
CA ASN C 170 16.58 9.24 -24.19
C ASN C 170 15.18 8.73 -24.46
N VAL C 171 14.34 8.72 -23.43
CA VAL C 171 12.95 8.27 -23.54
C VAL C 171 12.10 9.53 -23.57
N LEU C 172 11.63 9.89 -24.76
CA LEU C 172 10.83 11.09 -24.96
C LEU C 172 9.37 10.89 -24.62
N LEU C 173 8.92 9.65 -24.46
CA LEU C 173 7.52 9.35 -24.09
C LEU C 173 7.52 8.27 -23.02
N PRO C 174 7.78 8.65 -21.76
CA PRO C 174 7.82 7.67 -20.68
C PRO C 174 6.55 6.85 -20.52
N GLN C 175 5.44 7.27 -21.13
CA GLN C 175 4.22 6.46 -21.09
C GLN C 175 4.44 5.12 -21.76
N VAL C 176 5.29 5.09 -22.79
CA VAL C 176 5.59 3.86 -23.51
C VAL C 176 6.62 3.09 -22.70
N ALA C 177 6.21 1.96 -22.14
CA ALA C 177 7.09 1.17 -21.28
C ALA C 177 8.35 0.74 -22.00
N VAL C 178 9.47 0.83 -21.31
CA VAL C 178 10.76 0.31 -21.76
C VAL C 178 11.13 -0.79 -20.78
N ASN C 179 11.32 -2.00 -21.30
CA ASN C 179 11.52 -3.17 -20.45
C ASN C 179 12.97 -3.59 -20.53
N LEU C 180 13.61 -3.69 -19.36
CA LEU C 180 14.99 -4.10 -19.25
C LEU C 180 15.11 -5.62 -19.24
N SER C 181 16.24 -6.12 -19.72
CA SER C 181 16.51 -7.55 -19.75
C SER C 181 18.00 -7.74 -19.52
N ASN C 182 18.36 -8.17 -18.32
CA ASN C 182 19.76 -8.37 -17.93
C ASN C 182 20.57 -7.10 -18.15
N CYS C 183 20.08 -6.01 -17.57
CA CYS C 183 20.72 -4.70 -17.71
C CYS C 183 20.99 -4.11 -16.34
N HIS C 184 22.13 -3.43 -16.22
CA HIS C 184 22.41 -2.56 -15.09
C HIS C 184 22.47 -1.15 -15.67
N VAL C 185 21.46 -0.34 -15.36
CA VAL C 185 21.35 0.98 -15.95
C VAL C 185 21.13 2.01 -14.84
N VAL C 186 21.40 3.27 -15.19
CA VAL C 186 21.13 4.41 -14.34
C VAL C 186 20.08 5.26 -15.04
N ILE C 187 19.01 5.56 -14.34
CA ILE C 187 17.95 6.42 -14.86
C ILE C 187 18.27 7.85 -14.45
N LYS C 188 18.26 8.76 -15.42
CA LYS C 188 18.52 10.18 -15.18
C LYS C 188 17.37 11.00 -15.74
N SER C 189 16.88 11.95 -14.95
CA SER C 189 15.77 12.80 -15.35
C SER C 189 15.86 14.10 -14.58
N HIS C 190 14.83 14.94 -14.72
CA HIS C 190 14.69 16.16 -13.94
C HIS C 190 13.87 15.94 -12.68
N VAL C 191 13.54 14.69 -12.37
CA VAL C 191 12.75 14.36 -11.18
C VAL C 191 13.59 13.57 -10.18
N CYS C 192 14.09 12.39 -10.57
CA CYS C 192 14.92 11.57 -9.71
C CYS C 192 15.94 10.82 -10.56
N ASP C 193 17.12 10.60 -9.99
CA ASP C 193 18.16 9.78 -10.61
C ASP C 193 18.38 8.56 -9.71
N TYR C 194 18.41 7.38 -10.30
CA TYR C 194 18.46 6.14 -9.53
C TYR C 194 18.95 5.00 -10.41
N SER C 195 19.27 3.87 -9.78
CA SER C 195 19.81 2.70 -10.44
C SER C 195 18.75 1.60 -10.59
N LEU C 196 18.81 0.86 -11.70
CA LEU C 196 17.93 -0.26 -11.97
C LEU C 196 18.73 -1.49 -12.36
N ASP C 197 18.33 -2.64 -11.80
CA ASP C 197 18.98 -3.91 -12.10
C ASP C 197 17.99 -5.03 -12.35
N ILE C 198 16.70 -4.81 -12.15
CA ILE C 198 15.67 -5.84 -12.25
C ILE C 198 15.01 -5.77 -13.61
N ASP C 199 14.76 -6.94 -14.21
CA ASP C 199 14.09 -7.00 -15.49
C ASP C 199 12.68 -6.42 -15.38
N GLY C 200 12.12 -6.07 -16.53
CA GLY C 200 10.79 -5.49 -16.60
C GLY C 200 10.84 -4.00 -16.93
N ALA C 201 9.65 -3.40 -16.91
CA ALA C 201 9.51 -2.01 -17.30
C ALA C 201 10.33 -1.10 -16.40
N VAL C 202 10.92 -0.07 -17.00
CA VAL C 202 11.69 0.90 -16.23
C VAL C 202 10.76 1.55 -15.21
N ARG C 203 11.15 1.48 -13.94
CA ARG C 203 10.36 2.12 -12.90
C ARG C 203 10.58 3.62 -12.93
N LEU C 204 9.52 4.37 -12.71
CA LEU C 204 9.55 5.82 -12.70
C LEU C 204 8.86 6.35 -11.46
N PRO C 205 9.28 7.52 -10.97
CA PRO C 205 8.60 8.11 -9.81
C PRO C 205 7.20 8.57 -10.17
N HIS C 206 6.23 8.19 -9.34
CA HIS C 206 4.84 8.58 -9.53
C HIS C 206 4.45 9.59 -8.46
N ILE C 207 4.03 10.78 -8.90
CA ILE C 207 3.59 11.86 -8.03
C ILE C 207 2.08 11.98 -8.21
N TYR C 208 1.33 12.00 -7.12
CA TYR C 208 -0.11 12.16 -7.25
C TYR C 208 -0.47 13.60 -6.89
N HIS C 209 -1.11 14.28 -7.84
CA HIS C 209 -1.52 15.68 -7.71
C HIS C 209 -2.76 15.83 -8.60
N GLU C 210 -3.90 15.37 -8.08
CA GLU C 210 -5.15 15.35 -8.83
C GLU C 210 -4.97 14.56 -10.12
N GLY C 211 -4.21 13.49 -10.03
CA GLY C 211 -3.85 12.65 -11.16
C GLY C 211 -2.47 12.07 -10.93
N VAL C 212 -2.07 11.18 -11.84
CA VAL C 212 -0.77 10.54 -11.74
C VAL C 212 0.22 11.31 -12.61
N PHE C 213 1.31 11.76 -12.00
CA PHE C 213 2.37 12.49 -12.69
C PHE C 213 3.63 11.64 -12.71
N ILE C 214 4.30 11.62 -13.86
CA ILE C 214 5.58 10.93 -14.03
C ILE C 214 6.50 11.86 -14.82
N PRO C 215 7.82 11.58 -14.80
CA PRO C 215 8.74 12.47 -15.54
C PRO C 215 8.34 12.59 -17.00
N GLY C 216 8.37 13.82 -17.51
CA GLY C 216 8.02 14.03 -18.90
C GLY C 216 9.01 13.39 -19.85
N THR C 217 10.26 13.28 -19.43
CA THR C 217 11.33 12.64 -20.19
C THR C 217 12.32 12.05 -19.20
N TYR C 218 13.09 11.07 -19.67
CA TYR C 218 14.17 10.53 -18.85
C TYR C 218 15.20 9.90 -19.76
N LYS C 219 16.34 9.55 -19.16
CA LYS C 219 17.48 9.01 -19.89
C LYS C 219 17.93 7.72 -19.25
N ILE C 220 18.19 6.72 -20.09
CA ILE C 220 18.73 5.43 -19.66
C ILE C 220 20.20 5.41 -20.00
N VAL C 221 21.06 5.26 -18.99
CA VAL C 221 22.51 5.25 -19.19
C VAL C 221 23.01 3.84 -18.94
N ILE C 222 23.63 3.25 -19.96
CA ILE C 222 24.11 1.88 -19.92
C ILE C 222 25.61 1.92 -20.11
N ASP C 223 26.36 1.41 -19.13
CA ASP C 223 27.80 1.33 -19.23
C ASP C 223 28.13 -0.08 -19.72
N LYS C 224 28.65 -0.17 -20.94
CA LYS C 224 29.01 -1.44 -21.54
C LYS C 224 30.34 -1.98 -21.04
N LYS C 225 31.14 -1.18 -20.32
CA LYS C 225 32.34 -1.72 -19.68
C LYS C 225 31.96 -2.65 -18.54
N ASN C 226 30.80 -2.44 -17.94
CA ASN C 226 30.34 -3.29 -16.84
C ASN C 226 29.91 -4.64 -17.39
N LYS C 227 30.48 -5.71 -16.84
CA LYS C 227 30.21 -7.06 -17.31
C LYS C 227 28.73 -7.41 -17.25
N LEU C 228 27.95 -6.73 -16.40
CA LEU C 228 26.53 -7.02 -16.28
C LEU C 228 25.73 -6.66 -17.52
N ASN C 229 26.24 -5.74 -18.35
CA ASN C 229 25.52 -5.30 -19.55
C ASN C 229 25.93 -6.05 -20.81
N ASP C 230 26.67 -7.15 -20.69
CA ASP C 230 27.11 -7.89 -21.87
C ASP C 230 25.94 -8.48 -22.65
N ARG C 231 24.78 -8.65 -22.02
CA ARG C 231 23.60 -9.21 -22.67
C ARG C 231 22.39 -8.29 -22.55
N CYS C 232 22.59 -7.04 -22.12
CA CYS C 232 21.49 -6.11 -21.91
C CYS C 232 20.67 -5.93 -23.19
N THR C 233 19.35 -5.97 -23.03
CA THR C 233 18.43 -5.84 -24.16
C THR C 233 17.19 -5.05 -23.71
N LEU C 234 16.70 -4.19 -24.60
CA LEU C 234 15.52 -3.37 -24.33
C LEU C 234 14.35 -3.83 -25.18
N PHE C 235 13.20 -4.04 -24.52
CA PHE C 235 11.93 -4.35 -25.18
C PHE C 235 11.01 -3.14 -25.01
N THR C 236 10.55 -2.58 -26.13
CA THR C 236 9.69 -1.41 -26.07
C THR C 236 8.96 -1.25 -27.39
N ASP C 237 7.96 -0.36 -27.39
CA ASP C 237 7.18 -0.02 -28.57
C ASP C 237 7.84 1.16 -29.27
N CYS C 238 8.28 0.95 -30.52
CA CYS C 238 8.88 2.03 -31.30
C CYS C 238 7.75 2.86 -31.91
N VAL C 239 7.51 4.04 -31.35
CA VAL C 239 6.46 4.93 -31.86
C VAL C 239 6.97 5.57 -33.15
N ILE C 240 6.13 5.55 -34.20
CA ILE C 240 6.50 6.09 -35.49
C ILE C 240 5.37 6.96 -36.04
N LYS C 241 5.73 7.80 -37.01
CA LYS C 241 4.79 8.69 -37.68
C LYS C 241 4.04 7.94 -38.79
N GLY C 242 2.73 7.75 -38.58
CA GLY C 242 1.89 7.07 -39.55
C GLY C 242 1.51 7.97 -40.71
N ARG C 243 0.79 7.37 -41.67
CA ARG C 243 0.33 8.14 -42.82
C ARG C 243 -0.97 8.89 -42.57
N GLU C 244 -1.86 8.35 -41.73
CA GLU C 244 -3.14 9.01 -41.46
C GLU C 244 -2.97 10.34 -40.73
N VAL C 245 -3.78 11.33 -41.12
CA VAL C 245 -3.77 12.66 -40.53
C VAL C 245 -5.11 12.94 -39.89
N ARG C 246 -5.09 13.37 -38.62
CA ARG C 246 -6.28 13.73 -37.89
C ARG C 246 -6.12 15.13 -37.31
N LYS C 247 -7.07 16.01 -37.61
CA LYS C 247 -7.08 17.40 -37.11
C LYS C 247 -5.74 18.09 -37.35
N GLY C 248 -5.14 17.83 -38.50
CA GLY C 248 -3.87 18.43 -38.86
C GLY C 248 -2.65 17.80 -38.26
N CYS C 249 -2.81 16.68 -37.54
CA CYS C 249 -1.72 15.99 -36.87
C CYS C 249 -1.55 14.60 -37.45
N SER C 250 -0.31 14.12 -37.46
CA SER C 250 -0.04 12.74 -37.87
C SER C 250 -0.43 11.82 -36.73
N VAL C 251 -1.11 10.72 -37.06
CA VAL C 251 -1.47 9.76 -36.03
C VAL C 251 -0.25 8.94 -35.67
N LEU C 252 -0.10 8.65 -34.39
CA LEU C 252 1.04 7.88 -33.92
C LEU C 252 0.76 6.39 -34.08
N ARG C 253 1.80 5.67 -34.49
CA ARG C 253 1.72 4.22 -34.65
C ARG C 253 2.94 3.63 -33.96
N GLN C 254 2.83 2.39 -33.52
CA GLN C 254 3.93 1.75 -32.81
C GLN C 254 4.02 0.28 -33.15
N TYR C 255 5.25 -0.24 -33.10
CA TYR C 255 5.54 -1.65 -33.34
C TYR C 255 6.46 -2.17 -32.23
N LYS C 256 6.11 -3.33 -31.70
CA LYS C 256 6.89 -3.96 -30.63
C LYS C 256 8.30 -4.23 -31.13
N THR C 257 9.31 -3.85 -30.33
CA THR C 257 10.68 -3.94 -30.81
C THR C 257 11.63 -4.40 -29.72
N GLU C 258 12.67 -5.13 -30.14
CA GLU C 258 13.76 -5.56 -29.28
C GLU C 258 15.01 -4.77 -29.70
N ILE C 259 15.61 -4.06 -28.75
CA ILE C 259 16.81 -3.28 -29.00
C ILE C 259 17.95 -3.91 -28.20
N ARG C 260 18.84 -4.59 -28.92
CA ARG C 260 19.99 -5.24 -28.32
C ARG C 260 21.09 -4.21 -28.05
N ILE C 261 21.52 -4.12 -26.78
CA ILE C 261 22.59 -3.21 -26.38
C ILE C 261 23.91 -3.95 -26.18
N GLY C 262 23.87 -5.09 -25.48
CA GLY C 262 25.07 -5.86 -25.19
C GLY C 262 25.72 -6.51 -26.38
N GLY D 18 17.46 21.93 -32.47
CA GLY D 18 17.05 20.61 -32.01
C GLY D 18 15.57 20.33 -32.26
N ASP D 19 15.19 19.06 -32.11
CA ASP D 19 13.81 18.67 -32.31
C ASP D 19 12.88 19.34 -31.31
N LYS D 20 11.62 19.51 -31.73
CA LYS D 20 10.55 20.04 -30.89
C LYS D 20 9.34 19.16 -31.17
N ILE D 21 9.11 18.20 -30.29
CA ILE D 21 8.02 17.24 -30.43
C ILE D 21 6.83 17.75 -29.63
N THR D 22 5.70 17.94 -30.30
CA THR D 22 4.45 18.33 -29.65
C THR D 22 3.48 17.14 -29.73
N ILE D 23 3.09 16.62 -28.57
CA ILE D 23 2.22 15.45 -28.49
C ILE D 23 0.84 15.87 -28.01
N CYS D 24 -0.19 15.43 -28.73
CA CYS D 24 -1.58 15.72 -28.41
C CYS D 24 -2.33 14.44 -28.12
N ASN D 25 -3.05 14.42 -27.00
CA ASN D 25 -3.86 13.28 -26.57
C ASN D 25 -3.12 11.95 -26.71
N GLY D 26 -1.82 11.96 -26.44
CA GLY D 26 -1.00 10.76 -26.49
C GLY D 26 -1.18 9.89 -27.71
N SER D 27 -1.63 10.47 -28.81
CA SER D 27 -1.91 9.69 -30.02
C SER D 27 -1.56 10.39 -31.32
N THR D 28 -1.22 11.68 -31.30
CA THR D 28 -0.83 12.38 -32.51
C THR D 28 0.31 13.35 -32.18
N ILE D 29 1.18 13.55 -33.16
CA ILE D 29 2.27 14.50 -33.08
C ILE D 29 1.90 15.68 -33.98
N CYS D 30 1.95 16.88 -33.43
CA CYS D 30 1.40 18.04 -34.12
C CYS D 30 2.45 19.13 -34.26
N ASP D 31 2.07 20.19 -34.96
CA ASP D 31 2.87 21.39 -34.99
C ASP D 31 2.85 22.05 -33.61
N GLN D 32 3.93 22.77 -33.29
CA GLN D 32 4.07 23.39 -31.97
C GLN D 32 2.92 24.33 -31.63
N ARG D 33 2.16 24.80 -32.63
CA ARG D 33 0.97 25.63 -32.39
C ARG D 33 0.03 25.00 -31.38
N LEU D 34 -0.11 23.67 -31.42
CA LEU D 34 -1.04 23.00 -30.52
C LEU D 34 -0.45 22.72 -29.15
N GLY D 35 0.84 23.00 -28.94
CA GLY D 35 1.44 22.74 -27.64
C GLY D 35 0.83 23.55 -26.51
N SER D 36 0.18 24.67 -26.83
CA SER D 36 -0.53 25.46 -25.84
C SER D 36 -1.89 24.89 -25.49
N GLU D 37 -2.43 24.01 -26.32
CA GLU D 37 -3.75 23.45 -26.08
C GLU D 37 -3.72 22.48 -24.90
N LEU D 38 -4.76 22.53 -24.07
CA LEU D 38 -4.82 21.76 -22.84
C LEU D 38 -4.46 20.29 -23.04
N GLY D 39 -4.90 19.70 -24.14
CA GLY D 39 -4.62 18.30 -24.40
C GLY D 39 -3.26 17.99 -25.00
N CYS D 40 -2.33 18.96 -25.03
CA CYS D 40 -1.06 18.74 -25.68
C CYS D 40 0.07 19.31 -24.85
N TYR D 41 1.29 18.84 -25.13
CA TYR D 41 2.49 19.35 -24.51
C TYR D 41 3.66 19.16 -25.46
N THR D 42 4.73 19.93 -25.23
CA THR D 42 5.88 19.95 -26.12
C THR D 42 7.16 19.52 -25.42
N ILE D 43 7.95 18.71 -26.12
CA ILE D 43 9.24 18.21 -25.65
C ILE D 43 10.34 18.91 -26.45
N ASN D 44 11.24 19.59 -25.74
CA ASN D 44 12.33 20.35 -26.36
C ASN D 44 13.67 19.67 -26.11
N ARG D 45 14.48 19.55 -27.16
CA ARG D 45 15.85 19.10 -27.02
C ARG D 45 16.70 20.24 -26.49
N VAL D 46 17.43 20.01 -25.40
CA VAL D 46 18.25 21.04 -24.77
C VAL D 46 19.72 20.67 -24.92
N ARG D 47 20.53 21.64 -25.38
CA ARG D 47 21.99 21.51 -25.47
C ARG D 47 22.55 22.86 -25.13
N SER D 48 23.23 22.97 -23.99
CA SER D 48 23.89 24.20 -23.60
C SER D 48 25.01 23.83 -22.62
N PHE D 49 25.65 24.85 -22.06
CA PHE D 49 26.71 24.67 -21.09
C PHE D 49 26.31 25.37 -19.79
N LYS D 50 26.50 24.68 -18.68
CA LYS D 50 26.11 25.16 -17.37
C LYS D 50 27.31 25.02 -16.44
N LEU D 51 27.39 25.94 -15.48
CA LEU D 51 28.24 25.72 -14.33
C LEU D 51 27.67 24.59 -13.50
N GLY D 52 28.55 23.70 -13.03
CA GLY D 52 28.12 22.65 -12.14
C GLY D 52 27.83 23.18 -10.75
N SER D 53 26.87 22.55 -10.09
CA SER D 53 26.56 22.82 -8.70
C SER D 53 27.24 21.79 -7.81
N LEU D 54 27.17 22.03 -6.51
CA LEU D 54 27.73 21.08 -5.55
C LEU D 54 26.99 19.75 -5.61
N GLU D 55 27.74 18.67 -5.82
CA GLU D 55 27.20 17.33 -5.77
C GLU D 55 27.21 16.76 -4.36
N VAL D 56 27.97 17.38 -3.46
CA VAL D 56 28.09 16.92 -2.08
C VAL D 56 26.94 17.47 -1.26
N LEU D 57 26.39 16.64 -0.39
CA LEU D 57 25.29 17.07 0.47
C LEU D 57 25.81 18.05 1.53
N PHE D 58 25.09 19.14 1.74
CA PHE D 58 25.43 20.09 2.80
C PHE D 58 24.18 20.68 3.43
#